data_5FRN
#
_entry.id   5FRN
#
_cell.length_a   159.890
_cell.length_b   159.890
_cell.length_c   123.800
_cell.angle_alpha   90.00
_cell.angle_beta   90.00
_cell.angle_gamma   90.00
#
_symmetry.space_group_name_H-M   'P 41 21 2'
#
loop_
_entity.id
_entity.type
_entity.pdbx_description
1 polymer Integrase
2 polymer "5'-D(*AP*TP*TP*GP*TP*CP*AP*TP*GP*GP*AP*AP*TP*TP *TP*CP*GP*CP*A)-3'"
3 polymer "5'-D(*TP*GP*CP*GP*AP*AP*AP*TP*TP*CP*CP*AP*TP*GP *AP*CP*A)-3'"
4 non-polymer 'ZINC ION'
5 non-polymer 'MAGNESIUM ION'
6 non-polymer GLYCEROL
7 non-polymer 'SULFATE ION'
8 non-polymer 4-azanyl-N-[[2,4-bis(fluoranyl)phenyl]methyl]-1-oxidanyl-2-oxidanylidene-6-(5-oxidanylpentyl)-1,8-naphthyridine-3-carboxamide
9 water water
#
loop_
_entity_poly.entity_id
_entity_poly.type
_entity_poly.pdbx_seq_one_letter_code
_entity_poly.pdbx_strand_id
1 'polypeptide(L)'
;GPGCNTKKPNLDAELDQLLQGHYIKGYPKQYTYFLEDGKVKVSRPEGVKIIPPQSDRQKIVLQAHNLAHTGREATLLKIA
NLYWWPNMRKDVVKQLGRCQQCLITNASNKASGPILRPDRPQKPFDKFFIDYIGPLPPSQGYLYVLVVVDGMTGFTWLYP
TKAPSTSATVKSLNVLTSIAIPKVIHSDQGAAFTSSTFAEWAKERGIHLEFSTPYHPQSSGKVERKNSDIKRLLTKLLVG
RPTKWYDLLPVVQLALNNTYSPVLKYTPHQLLFGIDSNTPFANQDTLDLTREEELSLLQEIRTSLYHPSTPPASSRSWSP
VVGQLVQERVARPASLRPRWHKPSTVLKVLNPRTVVILDHLGNNRTVSIDNLKPTSHQNGTTNDTATMDHLEKNE
;
A,B
2 'polydeoxyribonucleotide' (DA)(DT)(DT)(DG)(DT)(DC)(DA)(DT)(DG)(DG)(DA)(DA)(DT)(DT)(DT)(DC)(DG)(DC)(DA) C
3 'polydeoxyribonucleotide' (DT)(DG)(DC)(DG)(DA)(DA)(DA)(DT)(DT)(DC)(DC)(DA)(DT)(DG)(DA)(DC)(DA) D
#
loop_
_chem_comp.id
_chem_comp.type
_chem_comp.name
_chem_comp.formula
DA DNA linking 2'-DEOXYADENOSINE-5'-MONOPHOSPHATE 'C10 H14 N5 O6 P'
DC DNA linking 2'-DEOXYCYTIDINE-5'-MONOPHOSPHATE 'C9 H14 N3 O7 P'
DG DNA linking 2'-DEOXYGUANOSINE-5'-MONOPHOSPHATE 'C10 H14 N5 O7 P'
DT DNA linking THYMIDINE-5'-MONOPHOSPHATE 'C10 H15 N2 O8 P'
GOL non-polymer GLYCEROL 'C3 H8 O3'
MG non-polymer 'MAGNESIUM ION' 'Mg 2'
QUW non-polymer 4-azanyl-N-[[2,4-bis(fluoranyl)phenyl]methyl]-1-oxidanyl-2-oxidanylidene-6-(5-oxidanylpentyl)-1,8-naphthyridine-3-carboxamide 'C21 H22 F2 N4 O4'
SO4 non-polymer 'SULFATE ION' 'O4 S -2'
ZN non-polymer 'ZINC ION' 'Zn 2'
#
# COMPACT_ATOMS: atom_id res chain seq x y z
N ASP A 12 54.84 -5.49 36.12
CA ASP A 12 55.89 -5.59 37.14
C ASP A 12 55.66 -4.63 38.30
N ALA A 13 55.64 -3.33 37.98
CA ALA A 13 55.61 -2.29 39.00
C ALA A 13 54.41 -2.46 39.93
N GLU A 14 53.21 -2.63 39.35
CA GLU A 14 52.02 -2.82 40.16
C GLU A 14 52.09 -4.13 40.95
N LEU A 15 52.57 -5.19 40.31
CA LEU A 15 52.64 -6.50 40.96
C LEU A 15 53.85 -6.65 41.88
N ASP A 16 54.85 -5.78 41.76
CA ASP A 16 55.99 -5.85 42.66
C ASP A 16 55.59 -5.46 44.08
N GLN A 17 54.87 -4.35 44.23
CA GLN A 17 54.40 -3.93 45.54
C GLN A 17 53.43 -4.92 46.15
N LEU A 18 52.75 -5.72 45.32
CA LEU A 18 51.77 -6.67 45.83
C LEU A 18 52.45 -7.84 46.54
N LEU A 19 53.57 -8.31 46.00
CA LEU A 19 54.25 -9.48 46.57
C LEU A 19 54.78 -9.19 47.97
N GLN A 20 55.32 -7.99 48.19
CA GLN A 20 55.89 -7.67 49.50
C GLN A 20 54.80 -7.39 50.54
N GLY A 21 53.60 -7.00 50.13
CA GLY A 21 52.49 -6.93 51.07
C GLY A 21 51.76 -5.62 51.15
N HIS A 22 52.05 -4.68 50.25
CA HIS A 22 51.30 -3.43 50.23
C HIS A 22 49.91 -3.65 49.65
N TYR A 23 49.01 -2.71 49.96
CA TYR A 23 47.65 -2.74 49.43
C TYR A 23 47.58 -1.97 48.13
N ILE A 24 47.04 -2.61 47.09
CA ILE A 24 46.73 -1.96 45.83
C ILE A 24 45.23 -2.04 45.62
N LYS A 25 44.63 -0.95 45.17
CA LYS A 25 43.18 -0.92 44.98
C LYS A 25 42.77 -1.95 43.92
N GLY A 26 41.69 -2.68 44.21
CA GLY A 26 41.20 -3.73 43.36
C GLY A 26 41.63 -5.12 43.80
N TYR A 27 42.82 -5.24 44.39
CA TYR A 27 43.31 -6.53 44.86
C TYR A 27 42.95 -6.67 46.34
N PRO A 28 41.99 -7.52 46.70
CA PRO A 28 41.61 -7.63 48.11
C PRO A 28 42.75 -8.14 48.97
N LYS A 29 42.72 -7.75 50.25
CA LYS A 29 43.85 -7.93 51.14
C LYS A 29 43.91 -9.33 51.75
N GLN A 30 42.76 -9.96 52.00
CA GLN A 30 42.71 -11.18 52.79
C GLN A 30 43.30 -12.40 52.09
N TYR A 31 43.76 -12.27 50.84
CA TYR A 31 44.39 -13.38 50.13
C TYR A 31 45.89 -13.14 50.03
N THR A 32 46.67 -14.21 50.13
CA THR A 32 48.12 -14.12 50.06
C THR A 32 48.57 -14.26 48.60
N TYR A 33 49.32 -13.26 48.13
CA TYR A 33 49.83 -13.22 46.77
C TYR A 33 51.31 -13.60 46.80
N PHE A 34 51.64 -14.76 46.22
CA PHE A 34 53.01 -15.27 46.25
C PHE A 34 53.57 -15.36 44.83
N LEU A 35 54.81 -15.82 44.73
CA LEU A 35 55.51 -15.97 43.46
C LEU A 35 55.92 -17.42 43.28
N GLU A 36 55.86 -17.89 42.04
CA GLU A 36 56.14 -19.28 41.71
C GLU A 36 56.34 -19.43 40.21
N ASP A 37 57.42 -20.10 39.79
CA ASP A 37 57.75 -20.27 38.38
C ASP A 37 57.95 -18.93 37.67
N GLY A 38 58.33 -17.90 38.42
CA GLY A 38 58.49 -16.58 37.85
C GLY A 38 57.18 -15.89 37.51
N LYS A 39 56.10 -16.21 38.21
CA LYS A 39 54.78 -15.66 37.93
C LYS A 39 54.08 -15.34 39.24
N VAL A 40 53.39 -14.20 39.27
CA VAL A 40 52.62 -13.80 40.44
C VAL A 40 51.33 -14.61 40.48
N LYS A 41 51.08 -15.26 41.63
CA LYS A 41 49.92 -16.12 41.78
C LYS A 41 49.14 -15.69 43.02
N VAL A 42 47.96 -16.30 43.20
CA VAL A 42 47.07 -15.98 44.30
C VAL A 42 46.23 -17.21 44.63
N SER A 43 45.98 -17.42 45.92
CA SER A 43 45.22 -18.57 46.40
C SER A 43 43.78 -18.11 46.63
N ARG A 44 42.90 -18.47 45.70
CA ARG A 44 41.49 -18.12 45.76
C ARG A 44 40.64 -19.36 46.02
N PRO A 45 39.39 -19.18 46.46
CA PRO A 45 38.55 -20.35 46.78
C PRO A 45 38.44 -21.38 45.67
N GLU A 46 38.44 -20.95 44.40
CA GLU A 46 38.39 -21.93 43.31
C GLU A 46 39.72 -22.68 43.17
N GLY A 47 40.83 -22.03 43.49
CA GLY A 47 42.13 -22.64 43.38
C GLY A 47 43.18 -21.56 43.18
N VAL A 48 44.37 -22.01 42.81
CA VAL A 48 45.48 -21.09 42.56
C VAL A 48 45.36 -20.55 41.15
N LYS A 49 45.44 -19.23 41.02
CA LYS A 49 45.35 -18.56 39.72
C LYS A 49 46.54 -17.66 39.52
N ILE A 50 46.91 -17.49 38.25
CA ILE A 50 48.00 -16.59 37.86
C ILE A 50 47.44 -15.19 37.72
N ILE A 51 48.15 -14.20 38.27
CA ILE A 51 47.82 -12.81 38.04
C ILE A 51 48.77 -12.25 37.00
N PRO A 52 48.34 -12.08 35.75
CA PRO A 52 49.23 -11.56 34.72
C PRO A 52 49.41 -10.06 34.88
N PRO A 53 50.53 -9.51 34.40
CA PRO A 53 50.69 -8.05 34.42
C PRO A 53 49.67 -7.36 33.54
N GLN A 54 49.46 -6.08 33.82
CA GLN A 54 48.46 -5.29 33.11
C GLN A 54 48.68 -5.33 31.60
N SER A 55 49.94 -5.32 31.18
CA SER A 55 50.28 -5.25 29.76
C SER A 55 49.95 -6.53 29.00
N ASP A 56 49.68 -7.63 29.70
CA ASP A 56 49.36 -8.90 29.05
C ASP A 56 47.87 -9.18 28.94
N ARG A 57 47.04 -8.46 29.70
CA ARG A 57 45.66 -8.89 29.89
C ARG A 57 44.84 -8.74 28.62
N GLN A 58 45.03 -7.65 27.87
CA GLN A 58 44.30 -7.50 26.61
C GLN A 58 44.58 -8.67 25.67
N LYS A 59 45.83 -9.10 25.61
CA LYS A 59 46.19 -10.23 24.75
C LYS A 59 45.57 -11.53 25.24
N ILE A 60 45.45 -11.71 26.55
CA ILE A 60 44.85 -12.93 27.10
C ILE A 60 43.36 -12.97 26.79
N VAL A 61 42.66 -11.87 27.06
CA VAL A 61 41.23 -11.79 26.75
C VAL A 61 40.99 -12.04 25.27
N LEU A 62 41.90 -11.55 24.42
CA LEU A 62 41.74 -11.73 22.98
C LEU A 62 41.94 -13.20 22.58
N GLN A 63 42.99 -13.84 23.12
CA GLN A 63 43.23 -15.25 22.81
C GLN A 63 42.06 -16.12 23.22
N ALA A 64 41.48 -15.86 24.39
CA ALA A 64 40.36 -16.66 24.85
C ALA A 64 39.11 -16.42 24.00
N HIS A 65 38.83 -15.16 23.68
CA HIS A 65 37.67 -14.86 22.85
C HIS A 65 37.79 -15.50 21.48
N ASN A 66 38.96 -15.40 20.85
CA ASN A 66 39.09 -15.84 19.46
C ASN A 66 39.01 -17.34 19.28
N LEU A 67 39.07 -18.13 20.36
CA LEU A 67 38.93 -19.58 20.24
C LEU A 67 37.65 -19.95 19.51
N ALA A 68 36.52 -19.43 19.97
CA ALA A 68 35.24 -19.64 19.27
C ALA A 68 34.40 -18.37 19.19
N HIS A 69 35.02 -17.20 19.33
CA HIS A 69 34.32 -15.91 19.29
C HIS A 69 33.11 -15.90 20.21
N THR A 70 33.34 -16.34 21.45
CA THR A 70 32.30 -16.49 22.45
C THR A 70 31.96 -15.17 23.13
N GLY A 71 30.77 -15.14 23.72
CA GLY A 71 30.28 -13.97 24.42
C GLY A 71 30.91 -13.80 25.79
N ARG A 72 30.22 -13.03 26.63
CA ARG A 72 30.81 -12.58 27.89
C ARG A 72 31.14 -13.75 28.82
N GLU A 73 30.11 -14.51 29.21
CA GLU A 73 30.33 -15.56 30.22
C GLU A 73 31.17 -16.71 29.66
N ALA A 74 30.92 -17.12 28.42
CA ALA A 74 31.68 -18.22 27.84
C ALA A 74 33.15 -17.86 27.66
N THR A 75 33.46 -16.59 27.39
CA THR A 75 34.85 -16.18 27.28
C THR A 75 35.51 -16.11 28.65
N LEU A 76 34.80 -15.61 29.66
CA LEU A 76 35.38 -15.48 30.99
C LEU A 76 35.67 -16.85 31.60
N LEU A 77 34.76 -17.81 31.41
CA LEU A 77 34.96 -19.15 31.96
C LEU A 77 36.25 -19.77 31.44
N LYS A 78 36.66 -19.44 30.22
CA LYS A 78 37.97 -19.87 29.73
C LYS A 78 39.09 -19.20 30.52
N ILE A 79 39.03 -17.87 30.63
CA ILE A 79 40.12 -17.13 31.26
C ILE A 79 40.27 -17.54 32.72
N ALA A 80 39.15 -17.72 33.42
CA ALA A 80 39.18 -17.99 34.86
C ALA A 80 39.79 -19.35 35.20
N ASN A 81 39.97 -20.23 34.22
CA ASN A 81 40.62 -21.50 34.47
C ASN A 81 42.08 -21.31 34.89
N LEU A 82 42.75 -20.32 34.31
CA LEU A 82 44.15 -20.06 34.60
C LEU A 82 44.38 -18.77 35.37
N TYR A 83 43.63 -17.70 35.07
CA TYR A 83 44.00 -16.37 35.51
C TYR A 83 42.96 -15.78 36.46
N TRP A 84 43.40 -14.77 37.20
CA TRP A 84 42.53 -13.91 37.98
C TRP A 84 43.13 -12.51 38.01
N TRP A 85 42.28 -11.49 37.90
CA TRP A 85 42.69 -10.11 38.11
C TRP A 85 41.45 -9.27 38.40
N PRO A 86 41.61 -8.07 38.93
CA PRO A 86 40.42 -7.28 39.33
C PRO A 86 39.57 -6.88 38.14
N ASN A 87 38.27 -7.14 38.24
CA ASN A 87 37.27 -6.72 37.25
C ASN A 87 37.59 -7.32 35.87
N MET A 88 37.56 -8.66 35.82
CA MET A 88 37.89 -9.34 34.57
C MET A 88 36.83 -9.07 33.49
N ARG A 89 35.55 -9.09 33.86
CA ARG A 89 34.50 -8.94 32.86
C ARG A 89 34.54 -7.57 32.18
N LYS A 90 35.10 -6.55 32.83
CA LYS A 90 35.22 -5.26 32.16
C LYS A 90 36.18 -5.34 30.98
N ASP A 91 37.30 -6.03 31.16
CA ASP A 91 38.24 -6.22 30.05
C ASP A 91 37.65 -7.15 28.99
N VAL A 92 36.82 -8.11 29.40
CA VAL A 92 36.15 -9.00 28.45
C VAL A 92 35.16 -8.20 27.60
N VAL A 93 34.30 -7.40 28.26
CA VAL A 93 33.30 -6.62 27.54
C VAL A 93 33.96 -5.60 26.63
N LYS A 94 35.10 -5.03 27.05
CA LYS A 94 35.79 -4.08 26.19
C LYS A 94 36.20 -4.73 24.87
N GLN A 95 36.65 -5.98 24.92
CA GLN A 95 37.04 -6.67 23.69
C GLN A 95 35.84 -7.02 22.83
N LEU A 96 34.73 -7.45 23.47
CA LEU A 96 33.54 -7.80 22.71
C LEU A 96 33.02 -6.63 21.90
N GLY A 97 33.09 -5.42 22.47
CA GLY A 97 32.69 -4.23 21.73
C GLY A 97 33.63 -3.82 20.63
N ARG A 98 34.84 -4.35 20.61
CA ARG A 98 35.82 -4.05 19.57
C ARG A 98 35.95 -5.18 18.54
N CYS A 99 35.37 -6.34 18.78
CA CYS A 99 35.45 -7.44 17.84
C CYS A 99 34.44 -7.21 16.72
N GLN A 100 34.95 -6.85 15.53
CA GLN A 100 34.05 -6.52 14.42
C GLN A 100 33.23 -7.74 13.98
N GLN A 101 33.85 -8.92 13.97
CA GLN A 101 33.15 -10.11 13.48
C GLN A 101 31.96 -10.46 14.35
N CYS A 102 32.10 -10.35 15.67
CA CYS A 102 30.98 -10.66 16.55
C CYS A 102 29.86 -9.64 16.40
N LEU A 103 30.20 -8.37 16.17
CA LEU A 103 29.18 -7.34 16.09
C LEU A 103 28.29 -7.52 14.85
N ILE A 104 28.88 -7.92 13.73
CA ILE A 104 28.11 -8.04 12.48
C ILE A 104 27.50 -9.42 12.27
N THR A 105 27.90 -10.42 13.06
CA THR A 105 27.39 -11.78 12.88
C THR A 105 26.36 -12.18 13.92
N ASN A 106 26.54 -11.76 15.17
CA ASN A 106 25.66 -12.18 16.25
C ASN A 106 24.25 -11.65 16.06
N ALA A 107 23.30 -12.36 16.65
CA ALA A 107 21.90 -11.95 16.65
C ALA A 107 21.62 -10.99 17.80
N SER A 108 20.53 -10.25 17.67
CA SER A 108 20.08 -9.40 18.76
C SER A 108 19.34 -10.24 19.80
N ASN A 109 19.29 -9.72 21.02
CA ASN A 109 18.45 -10.29 22.06
C ASN A 109 17.58 -9.22 22.71
N LYS A 110 17.31 -8.13 22.00
CA LYS A 110 16.35 -7.12 22.40
C LYS A 110 15.31 -6.97 21.30
N ALA A 111 14.04 -6.96 21.67
CA ALA A 111 12.96 -6.83 20.71
C ALA A 111 12.71 -5.38 20.35
N SER A 112 11.99 -5.18 19.25
CA SER A 112 11.59 -3.83 18.88
C SER A 112 10.48 -3.34 19.80
N GLY A 113 10.34 -2.02 19.87
CA GLY A 113 9.25 -1.41 20.60
C GLY A 113 7.93 -1.73 19.95
N PRO A 114 6.82 -1.51 20.67
CA PRO A 114 5.51 -1.90 20.15
C PRO A 114 5.13 -1.10 18.90
N ILE A 115 4.33 -1.75 18.04
CA ILE A 115 4.02 -1.18 16.74
C ILE A 115 3.12 0.03 16.88
N LEU A 116 3.26 0.97 15.94
CA LEU A 116 2.30 2.06 15.82
C LEU A 116 1.08 1.57 15.06
N ARG A 117 -0.06 2.20 15.35
CA ARG A 117 -1.30 1.97 14.60
C ARG A 117 -1.68 3.30 13.97
N PRO A 118 -1.16 3.61 12.78
CA PRO A 118 -1.40 4.94 12.18
C PRO A 118 -2.89 5.23 12.07
N ASP A 119 -3.24 6.50 12.22
CA ASP A 119 -4.62 6.92 12.09
C ASP A 119 -5.16 6.54 10.72
N ARG A 120 -6.40 6.07 10.70
CA ARG A 120 -7.05 5.75 9.44
C ARG A 120 -7.22 7.03 8.62
N PRO A 121 -6.93 6.98 7.31
CA PRO A 121 -7.19 8.16 6.47
C PRO A 121 -8.61 8.66 6.64
N GLN A 122 -8.77 9.98 6.62
CA GLN A 122 -10.06 10.58 6.96
C GLN A 122 -11.10 10.36 5.88
N LYS A 123 -10.70 10.48 4.61
CA LYS A 123 -11.61 10.41 3.49
C LYS A 123 -11.20 9.33 2.52
N PRO A 124 -12.14 8.81 1.72
CA PRO A 124 -11.75 8.00 0.56
C PRO A 124 -10.89 8.82 -0.39
N PHE A 125 -9.97 8.13 -1.07
CA PHE A 125 -9.03 8.72 -2.02
C PHE A 125 -8.03 9.66 -1.36
N ASP A 126 -7.91 9.62 -0.03
CA ASP A 126 -6.81 10.35 0.62
C ASP A 126 -5.51 9.60 0.49
N LYS A 127 -5.54 8.27 0.65
CA LYS A 127 -4.34 7.46 0.56
C LYS A 127 -4.68 6.12 -0.09
N PHE A 128 -3.96 5.79 -1.16
CA PHE A 128 -4.01 4.47 -1.77
C PHE A 128 -2.81 3.66 -1.32
N PHE A 129 -3.04 2.35 -1.13
CA PHE A 129 -1.97 1.39 -0.93
C PHE A 129 -1.95 0.43 -2.11
N ILE A 130 -0.80 0.29 -2.75
CA ILE A 130 -0.70 -0.58 -3.92
C ILE A 130 0.47 -1.54 -3.73
N ASP A 131 0.35 -2.70 -4.36
CA ASP A 131 1.31 -3.78 -4.25
C ASP A 131 1.00 -4.79 -5.35
N TYR A 132 1.95 -5.69 -5.59
CA TYR A 132 1.80 -6.75 -6.57
C TYR A 132 1.73 -8.11 -5.89
N ILE A 133 0.81 -8.95 -6.35
CA ILE A 133 0.79 -10.37 -6.03
C ILE A 133 1.38 -11.13 -7.21
N GLY A 134 2.19 -12.13 -6.94
CA GLY A 134 2.74 -12.97 -7.99
C GLY A 134 4.20 -13.32 -7.82
N PRO A 135 4.73 -14.22 -8.67
CA PRO A 135 4.02 -14.80 -9.82
C PRO A 135 3.03 -15.91 -9.46
N LEU A 136 1.94 -15.96 -10.20
CA LEU A 136 0.90 -16.97 -10.09
C LEU A 136 0.98 -17.92 -11.27
N PRO A 137 0.27 -19.06 -11.20
CA PRO A 137 0.17 -19.94 -12.37
C PRO A 137 -0.35 -19.18 -13.57
N PRO A 138 0.24 -19.39 -14.75
CA PRO A 138 -0.20 -18.64 -15.94
C PRO A 138 -1.69 -18.83 -16.21
N SER A 139 -2.37 -17.71 -16.45
CA SER A 139 -3.79 -17.70 -16.78
C SER A 139 -3.99 -16.64 -17.85
N GLN A 140 -4.31 -17.09 -19.07
CA GLN A 140 -4.46 -16.21 -20.22
C GLN A 140 -3.21 -15.38 -20.49
N GLY A 141 -2.03 -15.93 -20.17
CA GLY A 141 -0.79 -15.23 -20.32
C GLY A 141 -0.47 -14.23 -19.22
N TYR A 142 -1.30 -14.15 -18.19
CA TYR A 142 -1.09 -13.23 -17.08
C TYR A 142 -0.50 -13.96 -15.88
N LEU A 143 0.45 -13.31 -15.22
CA LEU A 143 1.16 -13.91 -14.09
C LEU A 143 1.01 -13.15 -12.79
N TYR A 144 0.69 -11.85 -12.83
CA TYR A 144 0.68 -11.02 -11.64
C TYR A 144 -0.67 -10.31 -11.51
N VAL A 145 -0.90 -9.74 -10.33
CA VAL A 145 -2.09 -8.96 -10.04
C VAL A 145 -1.69 -7.69 -9.32
N LEU A 146 -2.12 -6.55 -9.84
CA LEU A 146 -1.93 -5.27 -9.16
C LEU A 146 -3.10 -5.04 -8.21
N VAL A 147 -2.80 -4.89 -6.92
CA VAL A 147 -3.81 -4.72 -5.89
C VAL A 147 -3.74 -3.27 -5.40
N VAL A 148 -4.87 -2.59 -5.46
CA VAL A 148 -4.97 -1.18 -5.06
C VAL A 148 -6.06 -1.08 -4.00
N VAL A 149 -5.69 -0.62 -2.81
CA VAL A 149 -6.57 -0.58 -1.66
C VAL A 149 -6.70 0.85 -1.17
N ASP A 150 -7.93 1.33 -1.05
CA ASP A 150 -8.17 2.62 -0.43
C ASP A 150 -8.01 2.50 1.08
N GLY A 151 -7.23 3.42 1.66
CA GLY A 151 -6.92 3.32 3.08
C GLY A 151 -8.13 3.52 3.98
N MET A 152 -8.99 4.47 3.63
CA MET A 152 -10.12 4.79 4.50
C MET A 152 -11.17 3.68 4.47
N THR A 153 -11.57 3.24 3.27
CA THR A 153 -12.67 2.32 3.12
C THR A 153 -12.25 0.85 3.08
N GLY A 154 -11.05 0.55 2.59
CA GLY A 154 -10.69 -0.80 2.26
C GLY A 154 -11.17 -1.25 0.89
N PHE A 155 -11.88 -0.39 0.16
CA PHE A 155 -12.31 -0.72 -1.19
C PHE A 155 -11.10 -1.04 -2.04
N THR A 156 -11.22 -2.07 -2.87
CA THR A 156 -10.08 -2.68 -3.54
C THR A 156 -10.33 -2.83 -5.04
N TRP A 157 -9.31 -2.50 -5.83
CA TRP A 157 -9.31 -2.71 -7.27
C TRP A 157 -8.23 -3.72 -7.63
N LEU A 158 -8.59 -4.67 -8.50
CA LEU A 158 -7.66 -5.70 -8.96
C LEU A 158 -7.41 -5.56 -10.46
N TYR A 159 -6.16 -5.72 -10.86
CA TYR A 159 -5.75 -5.63 -12.25
C TYR A 159 -4.74 -6.71 -12.59
N PRO A 160 -5.03 -7.59 -13.55
CA PRO A 160 -4.05 -8.61 -13.94
C PRO A 160 -3.01 -8.05 -14.90
N THR A 161 -1.75 -8.41 -14.67
CA THR A 161 -0.65 -7.97 -15.51
C THR A 161 0.25 -9.16 -15.83
N LYS A 162 1.11 -8.95 -16.83
CA LYS A 162 2.07 -9.97 -17.24
C LYS A 162 3.42 -9.83 -16.58
N ALA A 163 3.75 -8.66 -16.04
CA ALA A 163 4.96 -8.43 -15.27
C ALA A 163 4.67 -7.38 -14.22
N PRO A 164 5.41 -7.37 -13.08
CA PRO A 164 5.27 -6.29 -12.09
C PRO A 164 6.03 -5.04 -12.50
N SER A 165 5.64 -4.47 -13.64
CA SER A 165 6.40 -3.42 -14.30
C SER A 165 5.78 -2.06 -14.08
N THR A 166 6.58 -1.02 -14.36
CA THR A 166 6.06 0.35 -14.33
C THR A 166 5.04 0.58 -15.43
N SER A 167 5.28 0.00 -16.62
CA SER A 167 4.35 0.19 -17.72
C SER A 167 2.97 -0.39 -17.40
N ALA A 168 2.94 -1.58 -16.81
CA ALA A 168 1.65 -2.19 -16.48
C ALA A 168 0.99 -1.48 -15.31
N THR A 169 1.77 -0.90 -14.41
CA THR A 169 1.20 -0.12 -13.31
C THR A 169 0.54 1.15 -13.82
N VAL A 170 1.20 1.86 -14.74
CA VAL A 170 0.65 3.10 -15.27
C VAL A 170 -0.63 2.83 -16.05
N LYS A 171 -0.65 1.76 -16.85
CA LYS A 171 -1.85 1.44 -17.62
C LYS A 171 -3.03 1.14 -16.71
N SER A 172 -2.79 0.43 -15.60
CA SER A 172 -3.88 0.09 -14.70
C SER A 172 -4.37 1.32 -13.94
N LEU A 173 -3.44 2.12 -13.41
CA LEU A 173 -3.84 3.29 -12.63
C LEU A 173 -4.49 4.38 -13.49
N ASN A 174 -4.20 4.43 -14.79
CA ASN A 174 -4.91 5.36 -15.64
C ASN A 174 -6.38 4.99 -15.75
N VAL A 175 -6.69 3.70 -15.78
CA VAL A 175 -8.08 3.26 -15.78
C VAL A 175 -8.73 3.55 -14.44
N LEU A 176 -7.99 3.35 -13.35
CA LEU A 176 -8.55 3.59 -12.01
C LEU A 176 -8.81 5.07 -11.77
N THR A 177 -7.83 5.92 -12.07
CA THR A 177 -7.98 7.35 -11.83
C THR A 177 -9.01 8.01 -12.75
N SER A 178 -9.66 7.24 -13.63
CA SER A 178 -10.85 7.74 -14.29
C SER A 178 -11.95 8.04 -13.28
N ILE A 179 -11.98 7.28 -12.19
CA ILE A 179 -13.00 7.49 -11.16
C ILE A 179 -12.64 8.66 -10.27
N ALA A 180 -11.42 8.66 -9.72
CA ALA A 180 -10.98 9.72 -8.84
C ALA A 180 -9.46 9.71 -8.74
N ILE A 181 -8.89 10.87 -8.47
CA ILE A 181 -7.44 11.01 -8.25
C ILE A 181 -7.19 10.98 -6.75
N PRO A 182 -6.26 10.17 -6.26
CA PRO A 182 -5.93 10.19 -4.84
C PRO A 182 -4.87 11.23 -4.50
N LYS A 183 -4.89 11.65 -3.23
CA LYS A 183 -3.84 12.55 -2.75
C LYS A 183 -2.49 11.85 -2.72
N VAL A 184 -2.43 10.68 -2.07
CA VAL A 184 -1.18 9.97 -1.82
C VAL A 184 -1.32 8.54 -2.31
N ILE A 185 -0.24 8.00 -2.86
CA ILE A 185 -0.14 6.58 -3.19
C ILE A 185 1.04 6.02 -2.39
N HIS A 186 0.75 5.03 -1.55
CA HIS A 186 1.78 4.38 -0.74
C HIS A 186 2.13 3.04 -1.37
N SER A 187 3.43 2.76 -1.46
CA SER A 187 3.90 1.50 -2.02
C SER A 187 5.18 1.09 -1.32
N ASP A 188 5.58 -0.17 -1.51
CA ASP A 188 6.90 -0.58 -1.08
C ASP A 188 7.94 -0.15 -2.12
N GLN A 189 9.20 -0.43 -1.84
CA GLN A 189 10.28 0.01 -2.73
C GLN A 189 10.58 -0.98 -3.83
N GLY A 190 9.54 -1.64 -4.37
CA GLY A 190 9.72 -2.49 -5.52
C GLY A 190 10.08 -1.70 -6.76
N ALA A 191 10.60 -2.42 -7.76
CA ALA A 191 11.17 -1.77 -8.93
C ALA A 191 10.13 -0.97 -9.71
N ALA A 192 8.88 -1.46 -9.73
CA ALA A 192 7.86 -0.80 -10.55
C ALA A 192 7.48 0.57 -9.99
N PHE A 193 7.55 0.75 -8.67
CA PHE A 193 7.09 1.97 -8.04
C PHE A 193 8.19 2.98 -7.77
N THR A 194 9.45 2.56 -7.81
CA THR A 194 10.58 3.43 -7.52
C THR A 194 11.22 4.01 -8.78
N SER A 195 10.76 3.61 -9.96
CA SER A 195 11.34 4.14 -11.19
C SER A 195 10.96 5.61 -11.37
N SER A 196 11.80 6.33 -12.10
CA SER A 196 11.53 7.74 -12.35
C SER A 196 10.33 7.92 -13.27
N THR A 197 10.04 6.93 -14.12
CA THR A 197 8.85 6.99 -14.97
C THR A 197 7.58 7.06 -14.13
N PHE A 198 7.55 6.32 -13.01
CA PHE A 198 6.38 6.33 -12.16
C PHE A 198 6.26 7.63 -11.36
N ALA A 199 7.39 8.20 -10.92
CA ALA A 199 7.36 9.50 -10.25
C ALA A 199 6.90 10.59 -11.21
N GLU A 200 7.32 10.52 -12.47
CA GLU A 200 6.86 11.47 -13.48
C GLU A 200 5.35 11.36 -13.68
N TRP A 201 4.84 10.13 -13.74
CA TRP A 201 3.40 9.92 -13.88
C TRP A 201 2.63 10.48 -12.69
N ALA A 202 3.22 10.43 -11.49
CA ALA A 202 2.51 10.90 -10.31
C ALA A 202 2.55 12.42 -10.18
N LYS A 203 3.67 13.05 -10.53
CA LYS A 203 3.77 14.49 -10.42
C LYS A 203 2.86 15.20 -11.41
N GLU A 204 2.70 14.63 -12.62
CA GLU A 204 1.80 15.21 -13.60
C GLU A 204 0.36 15.23 -13.12
N ARG A 205 0.00 14.39 -12.15
CA ARG A 205 -1.36 14.29 -11.66
C ARG A 205 -1.52 14.83 -10.25
N GLY A 206 -0.48 15.42 -9.66
CA GLY A 206 -0.57 15.96 -8.33
C GLY A 206 -0.66 14.90 -7.24
N ILE A 207 -0.08 13.73 -7.48
CA ILE A 207 -0.13 12.62 -6.53
C ILE A 207 1.22 12.55 -5.83
N HIS A 208 1.21 12.63 -4.51
CA HIS A 208 2.43 12.47 -3.73
C HIS A 208 2.72 10.98 -3.54
N LEU A 209 3.91 10.56 -3.93
CA LEU A 209 4.33 9.18 -3.74
C LEU A 209 4.96 9.02 -2.36
N GLU A 210 4.45 8.04 -1.61
CA GLU A 210 4.94 7.70 -0.28
C GLU A 210 5.47 6.28 -0.32
N PHE A 211 6.66 6.07 0.24
CA PHE A 211 7.33 4.77 0.17
C PHE A 211 7.55 4.21 1.56
N SER A 212 7.45 2.88 1.66
CA SER A 212 7.77 2.19 2.90
C SER A 212 9.27 2.17 3.12
N THR A 213 9.66 2.11 4.39
CA THR A 213 11.05 1.80 4.71
C THR A 213 11.42 0.47 4.07
N PRO A 214 12.68 0.29 3.68
CA PRO A 214 13.03 -0.89 2.87
C PRO A 214 12.93 -2.18 3.67
N TYR A 215 12.48 -3.24 2.97
CA TYR A 215 12.38 -4.59 3.51
C TYR A 215 11.59 -4.63 4.80
N HIS A 216 10.34 -4.17 4.70
CA HIS A 216 9.44 -4.06 5.84
C HIS A 216 7.99 -4.00 5.36
N PRO A 217 7.42 -5.15 4.93
CA PRO A 217 6.06 -5.11 4.37
C PRO A 217 4.95 -4.83 5.38
N GLN A 218 5.26 -4.83 6.69
CA GLN A 218 4.33 -4.32 7.68
C GLN A 218 3.81 -2.95 7.29
N SER A 219 4.69 -2.11 6.74
CA SER A 219 4.33 -0.72 6.44
C SER A 219 3.27 -0.64 5.37
N SER A 220 3.24 -1.60 4.44
CA SER A 220 2.16 -1.72 3.47
C SER A 220 1.06 -2.67 3.95
N GLY A 221 0.90 -2.81 5.27
CA GLY A 221 0.07 -3.85 5.83
C GLY A 221 -1.38 -3.83 5.38
N LYS A 222 -1.90 -2.67 5.00
CA LYS A 222 -3.30 -2.58 4.56
C LYS A 222 -3.53 -3.35 3.27
N VAL A 223 -2.65 -3.16 2.28
CA VAL A 223 -2.80 -3.91 1.03
C VAL A 223 -2.29 -5.33 1.19
N GLU A 224 -1.25 -5.55 2.01
CA GLU A 224 -0.78 -6.91 2.23
C GLU A 224 -1.86 -7.78 2.84
N ARG A 225 -2.57 -7.26 3.85
CA ARG A 225 -3.64 -8.05 4.46
C ARG A 225 -4.76 -8.33 3.47
N LYS A 226 -5.02 -7.39 2.54
CA LYS A 226 -6.01 -7.64 1.50
C LYS A 226 -5.52 -8.70 0.53
N ASN A 227 -4.21 -8.75 0.26
CA ASN A 227 -3.66 -9.82 -0.58
C ASN A 227 -3.98 -11.19 -0.01
N SER A 228 -3.96 -11.30 1.32
CA SER A 228 -4.30 -12.57 1.97
C SER A 228 -5.74 -12.97 1.67
N ASP A 229 -6.67 -12.01 1.76
CA ASP A 229 -8.07 -12.33 1.51
C ASP A 229 -8.30 -12.68 0.04
N ILE A 230 -7.64 -11.97 -0.88
CA ILE A 230 -7.78 -12.25 -2.29
C ILE A 230 -7.33 -13.68 -2.60
N LYS A 231 -6.14 -14.05 -2.12
CA LYS A 231 -5.64 -15.40 -2.39
C LYS A 231 -6.49 -16.46 -1.69
N ARG A 232 -7.00 -16.15 -0.50
CA ARG A 232 -7.81 -17.12 0.22
C ARG A 232 -9.11 -17.42 -0.53
N LEU A 233 -9.74 -16.38 -1.09
CA LEU A 233 -10.97 -16.59 -1.84
C LEU A 233 -10.70 -17.28 -3.17
N LEU A 234 -9.65 -16.86 -3.88
CA LEU A 234 -9.26 -17.55 -5.11
C LEU A 234 -8.99 -19.02 -4.87
N THR A 235 -8.31 -19.35 -3.76
CA THR A 235 -8.04 -20.74 -3.44
C THR A 235 -9.34 -21.53 -3.30
N LYS A 236 -10.32 -20.98 -2.56
CA LYS A 236 -11.57 -21.69 -2.35
C LYS A 236 -12.35 -21.86 -3.64
N LEU A 237 -12.37 -20.84 -4.49
CA LEU A 237 -13.12 -20.91 -5.74
C LEU A 237 -12.48 -21.89 -6.73
N LEU A 238 -11.19 -22.19 -6.58
CA LEU A 238 -10.48 -23.04 -7.53
C LEU A 238 -10.28 -24.46 -7.00
N VAL A 239 -10.90 -24.81 -5.87
CA VAL A 239 -10.76 -26.16 -5.33
C VAL A 239 -11.29 -27.16 -6.33
N GLY A 240 -10.48 -28.17 -6.63
CA GLY A 240 -10.89 -29.21 -7.57
C GLY A 240 -11.07 -28.72 -8.99
N ARG A 241 -10.36 -27.66 -9.36
CA ARG A 241 -10.40 -27.11 -10.71
C ARG A 241 -8.99 -26.68 -11.09
N PRO A 242 -8.70 -26.61 -12.40
CA PRO A 242 -7.46 -25.95 -12.82
C PRO A 242 -7.47 -24.49 -12.43
N THR A 243 -6.29 -23.96 -12.13
CA THR A 243 -6.14 -22.62 -11.53
C THR A 243 -6.29 -21.55 -12.61
N LYS A 244 -7.54 -21.39 -13.09
CA LYS A 244 -7.88 -20.37 -14.08
C LYS A 244 -8.42 -19.16 -13.33
N TRP A 245 -7.51 -18.33 -12.82
CA TRP A 245 -7.88 -17.23 -11.94
C TRP A 245 -8.19 -15.93 -12.67
N TYR A 246 -7.85 -15.82 -13.97
CA TYR A 246 -8.04 -14.56 -14.68
C TYR A 246 -9.51 -14.16 -14.71
N ASP A 247 -10.41 -15.11 -14.96
CA ASP A 247 -11.82 -14.81 -15.03
C ASP A 247 -12.46 -14.58 -13.66
N LEU A 248 -11.76 -14.93 -12.58
CA LEU A 248 -12.34 -14.80 -11.25
C LEU A 248 -12.03 -13.45 -10.58
N LEU A 249 -11.02 -12.74 -11.05
CA LEU A 249 -10.67 -11.44 -10.45
C LEU A 249 -11.85 -10.49 -10.33
N PRO A 250 -12.70 -10.30 -11.35
CA PRO A 250 -13.87 -9.43 -11.15
C PRO A 250 -14.82 -9.96 -10.08
N VAL A 251 -14.98 -11.28 -9.99
CA VAL A 251 -15.84 -11.86 -8.96
C VAL A 251 -15.25 -11.61 -7.59
N VAL A 252 -13.95 -11.92 -7.42
CA VAL A 252 -13.30 -11.72 -6.12
C VAL A 252 -13.35 -10.25 -5.72
N GLN A 253 -13.08 -9.35 -6.66
CA GLN A 253 -13.13 -7.92 -6.36
C GLN A 253 -14.49 -7.52 -5.82
N LEU A 254 -15.56 -7.91 -6.52
CA LEU A 254 -16.91 -7.55 -6.08
C LEU A 254 -17.26 -8.22 -4.76
N ALA A 255 -16.85 -9.48 -4.58
CA ALA A 255 -17.21 -10.22 -3.37
C ALA A 255 -16.56 -9.61 -2.13
N LEU A 256 -15.27 -9.27 -2.21
CA LEU A 256 -14.57 -8.74 -1.04
C LEU A 256 -15.01 -7.31 -0.74
N ASN A 257 -15.27 -6.51 -1.77
CA ASN A 257 -15.71 -5.14 -1.54
C ASN A 257 -17.08 -5.07 -0.88
N ASN A 258 -17.88 -6.13 -0.96
CA ASN A 258 -19.19 -6.17 -0.35
C ASN A 258 -19.24 -7.12 0.85
N THR A 259 -18.09 -7.44 1.43
CA THR A 259 -18.00 -8.34 2.56
C THR A 259 -17.90 -7.53 3.86
N TYR A 260 -18.65 -7.94 4.87
CA TYR A 260 -18.66 -7.21 6.13
C TYR A 260 -17.37 -7.44 6.90
N SER A 261 -16.86 -6.37 7.49
CA SER A 261 -15.80 -6.47 8.50
C SER A 261 -16.47 -6.59 9.85
N PRO A 262 -16.38 -7.74 10.53
CA PRO A 262 -17.14 -7.92 11.79
C PRO A 262 -16.85 -6.86 12.84
N VAL A 263 -15.65 -6.28 12.85
CA VAL A 263 -15.37 -5.27 13.88
C VAL A 263 -15.93 -3.90 13.49
N LEU A 264 -16.02 -3.61 12.19
CA LEU A 264 -16.56 -2.33 11.74
C LEU A 264 -18.06 -2.34 11.61
N LYS A 265 -18.65 -3.50 11.31
CA LYS A 265 -20.07 -3.66 10.98
C LYS A 265 -20.42 -3.02 9.64
N TYR A 266 -19.45 -2.93 8.73
CA TYR A 266 -19.70 -2.34 7.43
C TYR A 266 -18.83 -3.02 6.37
N THR A 267 -19.28 -2.93 5.12
CA THR A 267 -18.51 -3.40 3.99
C THR A 267 -17.74 -2.25 3.37
N PRO A 268 -16.62 -2.51 2.68
CA PRO A 268 -15.91 -1.43 2.00
C PRO A 268 -16.77 -0.66 1.02
N HIS A 269 -17.71 -1.34 0.35
CA HIS A 269 -18.65 -0.66 -0.53
C HIS A 269 -19.49 0.35 0.25
N GLN A 270 -19.98 -0.04 1.42
CA GLN A 270 -20.81 0.86 2.22
C GLN A 270 -20.02 2.07 2.71
N LEU A 271 -18.76 1.87 3.07
CA LEU A 271 -17.94 2.99 3.52
C LEU A 271 -17.59 3.94 2.39
N LEU A 272 -17.56 3.46 1.14
CA LEU A 272 -17.23 4.30 0.00
C LEU A 272 -18.45 5.02 -0.57
N PHE A 273 -19.60 4.34 -0.63
CA PHE A 273 -20.79 4.88 -1.27
C PHE A 273 -21.92 5.21 -0.32
N GLY A 274 -21.93 4.65 0.89
CA GLY A 274 -23.02 4.88 1.82
C GLY A 274 -24.31 4.18 1.47
N ILE A 275 -24.30 3.28 0.49
CA ILE A 275 -25.50 2.55 0.08
C ILE A 275 -25.06 1.35 -0.74
N ASP A 276 -25.73 0.22 -0.51
CA ASP A 276 -25.45 -0.98 -1.29
C ASP A 276 -26.02 -0.85 -2.68
N SER A 277 -25.32 -1.42 -3.66
CA SER A 277 -25.85 -1.52 -5.00
C SER A 277 -26.66 -2.81 -5.12
N ASN A 278 -26.99 -3.21 -6.34
CA ASN A 278 -27.88 -4.34 -6.56
C ASN A 278 -27.09 -5.65 -6.44
N THR A 279 -26.68 -5.94 -5.21
CA THR A 279 -26.00 -7.18 -4.87
C THR A 279 -26.87 -8.02 -3.95
N PRO A 280 -26.59 -9.33 -3.84
CA PRO A 280 -27.38 -10.17 -2.94
C PRO A 280 -27.30 -9.69 -1.50
N PHE A 281 -28.43 -9.75 -0.80
CA PHE A 281 -28.53 -9.38 0.62
C PHE A 281 -28.16 -7.92 0.85
N ALA A 282 -28.58 -7.05 -0.07
CA ALA A 282 -28.29 -5.63 0.08
C ALA A 282 -29.02 -5.04 1.28
N ASN A 283 -28.32 -4.19 2.03
CA ASN A 283 -28.90 -3.55 3.19
C ASN A 283 -29.85 -2.44 2.77
N GLN A 284 -30.99 -2.34 3.45
CA GLN A 284 -32.05 -1.41 3.07
C GLN A 284 -32.48 -0.53 4.24
N ASP A 285 -31.55 -0.22 5.15
CA ASP A 285 -31.93 0.55 6.34
C ASP A 285 -32.20 2.01 6.00
N THR A 286 -31.54 2.56 4.99
CA THR A 286 -31.65 3.97 4.64
C THR A 286 -32.60 4.21 3.47
N LEU A 287 -33.62 3.36 3.31
CA LEU A 287 -34.47 3.43 2.13
C LEU A 287 -35.33 4.69 2.13
N ASP A 288 -35.76 5.16 3.29
CA ASP A 288 -36.64 6.31 3.39
C ASP A 288 -35.91 7.62 3.57
N LEU A 289 -34.59 7.60 3.77
CA LEU A 289 -33.82 8.83 3.84
C LEU A 289 -33.53 9.35 2.44
N THR A 290 -33.37 10.66 2.33
CA THR A 290 -32.87 11.23 1.09
C THR A 290 -31.37 10.97 0.98
N ARG A 291 -30.83 11.22 -0.21
CA ARG A 291 -29.39 11.03 -0.41
C ARG A 291 -28.58 11.97 0.46
N GLU A 292 -29.07 13.19 0.65
CA GLU A 292 -28.35 14.14 1.51
C GLU A 292 -28.41 13.73 2.97
N GLU A 293 -29.55 13.20 3.41
CA GLU A 293 -29.62 12.62 4.76
C GLU A 293 -28.71 11.39 4.85
N GLU A 294 -28.62 10.63 3.77
CA GLU A 294 -27.77 9.44 3.76
C GLU A 294 -26.29 9.82 3.87
N LEU A 295 -25.85 10.77 3.05
CA LEU A 295 -24.46 11.22 3.11
C LEU A 295 -24.12 11.89 4.43
N SER A 296 -25.11 12.45 5.12
CA SER A 296 -24.86 12.99 6.45
C SER A 296 -24.58 11.87 7.45
N LEU A 297 -25.36 10.79 7.39
CA LEU A 297 -25.10 9.62 8.23
C LEU A 297 -23.80 8.93 7.85
N LEU A 298 -23.39 9.03 6.58
CA LEU A 298 -22.15 8.41 6.15
C LEU A 298 -20.94 9.12 6.76
N GLN A 299 -21.00 10.45 6.86
CA GLN A 299 -19.90 11.18 7.49
C GLN A 299 -19.83 10.89 8.98
N GLU A 300 -20.97 10.63 9.61
CA GLU A 300 -20.97 10.21 11.01
C GLU A 300 -20.35 8.82 11.16
N ILE A 301 -20.62 7.91 10.21
CA ILE A 301 -20.12 6.55 10.31
C ILE A 301 -18.62 6.50 10.08
N ARG A 302 -18.10 7.31 9.15
CA ARG A 302 -16.68 7.27 8.83
C ARG A 302 -15.82 7.75 9.99
N THR A 303 -16.27 8.79 10.70
CA THR A 303 -15.47 9.34 11.79
C THR A 303 -15.47 8.47 13.04
N SER A 304 -16.48 7.63 13.23
CA SER A 304 -16.65 6.87 14.46
C SER A 304 -16.19 5.42 14.33
N LEU A 305 -15.45 5.09 13.28
CA LEU A 305 -15.01 3.71 13.12
C LEU A 305 -13.99 3.31 14.18
N TYR A 306 -14.02 2.04 14.55
CA TYR A 306 -13.09 1.52 15.55
C TYR A 306 -11.65 1.71 15.08
N HIS A 307 -10.77 2.05 16.02
CA HIS A 307 -9.35 2.18 15.71
C HIS A 307 -8.52 1.60 16.85
N PRO A 308 -7.63 0.67 16.55
CA PRO A 308 -6.81 0.04 17.60
C PRO A 308 -5.74 0.98 18.11
N SER A 309 -5.13 0.59 19.23
CA SER A 309 -4.07 1.36 19.85
C SER A 309 -2.81 0.52 19.97
N THR A 310 -1.71 1.20 20.29
CA THR A 310 -0.42 0.54 20.41
C THR A 310 -0.49 -0.54 21.50
N PRO A 311 -0.02 -1.76 21.22
CA PRO A 311 -0.04 -2.82 22.23
C PRO A 311 1.02 -2.58 23.29
N PRO A 312 1.01 -3.37 24.38
CA PRO A 312 2.05 -3.20 25.41
C PRO A 312 3.41 -3.63 24.88
N ALA A 313 4.44 -2.90 25.30
CA ALA A 313 5.81 -3.25 24.93
C ALA A 313 6.18 -4.57 25.60
N SER A 314 6.97 -5.38 24.89
CA SER A 314 7.51 -6.58 25.52
C SER A 314 8.57 -6.21 26.54
N SER A 315 8.82 -7.14 27.47
CA SER A 315 9.58 -6.79 28.68
C SER A 315 11.03 -6.40 28.39
N ARG A 316 11.55 -6.71 27.20
CA ARG A 316 12.95 -6.40 26.86
C ARG A 316 13.02 -5.80 25.46
N SER A 317 12.39 -4.64 25.29
CA SER A 317 12.43 -3.92 24.03
C SER A 317 13.39 -2.73 24.12
N TRP A 318 13.78 -2.23 22.96
CA TRP A 318 14.64 -1.06 22.86
C TRP A 318 13.97 -0.03 21.97
N SER A 319 14.23 1.24 22.28
CA SER A 319 13.74 2.32 21.44
C SER A 319 14.89 3.25 21.09
N PRO A 320 14.91 3.79 19.87
CA PRO A 320 16.11 4.48 19.37
C PRO A 320 16.28 5.86 19.96
N VAL A 321 17.54 6.21 20.21
CA VAL A 321 17.93 7.51 20.73
C VAL A 321 18.90 8.15 19.74
N VAL A 322 18.81 9.47 19.59
CA VAL A 322 19.69 10.19 18.68
C VAL A 322 21.14 10.02 19.13
N GLY A 323 22.01 9.67 18.18
CA GLY A 323 23.42 9.45 18.48
C GLY A 323 23.78 8.04 18.85
N GLN A 324 22.81 7.13 18.88
CA GLN A 324 23.06 5.75 19.28
C GLN A 324 23.70 4.96 18.15
N LEU A 325 24.59 4.04 18.52
CA LEU A 325 25.17 3.11 17.56
C LEU A 325 24.19 1.98 17.27
N VAL A 326 23.77 1.85 16.01
CA VAL A 326 22.86 0.80 15.59
C VAL A 326 23.39 0.17 14.32
N GLN A 327 22.89 -1.02 14.02
CA GLN A 327 23.32 -1.76 12.83
C GLN A 327 22.10 -2.17 12.02
N GLU A 328 22.15 -1.91 10.71
CA GLU A 328 21.06 -2.27 9.81
C GLU A 328 21.21 -3.71 9.35
N ARG A 329 20.08 -4.39 9.21
CA ARG A 329 20.08 -5.77 8.76
C ARG A 329 20.49 -5.85 7.29
N VAL A 330 21.34 -6.82 6.97
CA VAL A 330 21.70 -7.08 5.58
C VAL A 330 20.50 -7.67 4.86
N ALA A 331 20.19 -7.14 3.68
CA ALA A 331 18.95 -7.46 3.00
C ALA A 331 18.90 -8.89 2.49
N ARG A 332 19.75 -9.23 1.52
CA ARG A 332 19.80 -10.57 0.92
C ARG A 332 21.16 -11.17 1.21
N PRO A 333 21.42 -11.57 2.45
CA PRO A 333 22.77 -12.01 2.82
C PRO A 333 23.14 -13.33 2.19
N ALA A 334 24.36 -13.41 1.66
CA ALA A 334 24.82 -14.63 1.03
C ALA A 334 25.12 -15.70 2.08
N SER A 335 25.38 -16.91 1.59
CA SER A 335 25.69 -18.02 2.48
C SER A 335 27.01 -17.78 3.20
N LEU A 336 26.99 -18.01 4.52
CA LEU A 336 28.17 -17.87 5.38
C LEU A 336 28.68 -16.43 5.42
N ARG A 337 27.77 -15.47 5.27
CA ARG A 337 28.10 -14.06 5.35
C ARG A 337 27.31 -13.40 6.47
N PRO A 338 27.81 -12.30 7.04
CA PRO A 338 27.14 -11.71 8.21
C PRO A 338 25.74 -11.22 7.88
N ARG A 339 24.89 -11.26 8.90
CA ARG A 339 23.51 -10.81 8.80
C ARG A 339 23.33 -9.32 9.09
N TRP A 340 24.39 -8.63 9.50
CA TRP A 340 24.29 -7.24 9.93
C TRP A 340 25.38 -6.39 9.29
N HIS A 341 25.03 -5.15 8.97
CA HIS A 341 26.01 -4.18 8.51
C HIS A 341 26.83 -3.66 9.68
N LYS A 342 27.87 -2.90 9.36
CA LYS A 342 28.71 -2.29 10.37
C LYS A 342 27.94 -1.21 11.11
N PRO A 343 28.37 -0.85 12.33
CA PRO A 343 27.62 0.12 13.14
C PRO A 343 27.47 1.46 12.44
N SER A 344 26.29 2.06 12.64
CA SER A 344 25.98 3.39 12.13
C SER A 344 25.26 4.17 13.21
N THR A 345 25.11 5.48 13.00
CA THR A 345 24.62 6.39 14.03
C THR A 345 23.22 6.89 13.68
N VAL A 346 22.37 7.01 14.70
CA VAL A 346 21.00 7.49 14.51
C VAL A 346 21.03 9.01 14.42
N LEU A 347 20.67 9.54 13.25
CA LEU A 347 20.62 10.99 13.07
C LEU A 347 19.34 11.58 13.65
N LYS A 348 18.19 11.08 13.21
CA LYS A 348 16.89 11.62 13.61
C LYS A 348 15.94 10.47 13.92
N VAL A 349 15.08 10.69 14.91
CA VAL A 349 14.03 9.75 15.28
C VAL A 349 12.72 10.30 14.73
N LEU A 350 12.26 9.76 13.61
CA LEU A 350 11.02 10.23 12.99
C LEU A 350 9.80 9.86 13.84
N ASN A 351 9.79 8.65 14.36
CA ASN A 351 8.80 8.20 15.32
C ASN A 351 9.40 7.05 16.11
N PRO A 352 8.72 6.55 17.15
CA PRO A 352 9.33 5.47 17.96
C PRO A 352 9.71 4.23 17.17
N ARG A 353 9.25 4.09 15.92
CA ARG A 353 9.52 2.90 15.12
C ARG A 353 10.28 3.19 13.84
N THR A 354 10.63 4.45 13.56
CA THR A 354 11.28 4.82 12.30
C THR A 354 12.40 5.82 12.60
N VAL A 355 13.57 5.62 11.98
CA VAL A 355 14.71 6.49 12.20
C VAL A 355 15.44 6.74 10.89
N VAL A 356 16.27 7.79 10.91
CA VAL A 356 17.23 8.08 9.86
C VAL A 356 18.62 7.78 10.41
N ILE A 357 19.44 7.09 9.61
CA ILE A 357 20.78 6.72 10.05
C ILE A 357 21.80 7.17 9.01
N LEU A 358 23.05 7.28 9.46
CA LEU A 358 24.17 7.60 8.59
C LEU A 358 24.75 6.29 8.08
N ASP A 359 24.43 5.95 6.83
CA ASP A 359 24.59 4.61 6.29
C ASP A 359 26.04 4.15 6.33
N HIS A 360 26.22 2.84 6.08
CA HIS A 360 27.55 2.25 6.05
C HIS A 360 28.38 2.78 4.88
N LEU A 361 27.72 3.20 3.81
CA LEU A 361 28.43 3.81 2.69
C LEU A 361 28.75 5.28 2.96
N GLY A 362 27.84 5.98 3.63
CA GLY A 362 28.00 7.40 3.90
C GLY A 362 26.71 8.16 3.67
N ASN A 363 25.71 7.49 3.13
CA ASN A 363 24.45 8.11 2.77
C ASN A 363 23.54 8.26 4.00
N ASN A 364 22.46 9.01 3.81
CA ASN A 364 21.36 9.04 4.78
C ASN A 364 20.32 8.01 4.35
N ARG A 365 19.83 7.23 5.31
CA ARG A 365 18.94 6.13 5.00
C ARG A 365 17.83 6.08 6.05
N THR A 366 16.59 5.95 5.59
CA THR A 366 15.41 5.89 6.45
C THR A 366 15.01 4.43 6.60
N VAL A 367 15.04 3.91 7.83
CA VAL A 367 14.86 2.49 8.06
C VAL A 367 13.83 2.26 9.16
N SER A 368 13.26 1.05 9.15
CA SER A 368 12.39 0.61 10.22
C SER A 368 13.22 0.05 11.37
N ILE A 369 12.69 0.20 12.58
CA ILE A 369 13.40 -0.29 13.75
C ILE A 369 13.50 -1.80 13.74
N ASP A 370 12.58 -2.49 13.06
CA ASP A 370 12.63 -3.94 12.96
C ASP A 370 13.84 -4.44 12.17
N ASN A 371 14.42 -3.59 11.31
CA ASN A 371 15.63 -3.93 10.57
C ASN A 371 16.88 -3.31 11.19
N LEU A 372 16.83 -3.04 12.49
CA LEU A 372 17.96 -2.52 13.24
C LEU A 372 18.16 -3.33 14.51
N LYS A 373 19.42 -3.46 14.91
CA LYS A 373 19.71 -3.87 16.26
C LYS A 373 20.61 -2.84 16.92
N PRO A 374 20.45 -2.58 18.21
CA PRO A 374 21.40 -1.72 18.91
C PRO A 374 22.72 -2.44 19.11
N THR A 375 23.81 -1.73 18.83
CA THR A 375 25.14 -2.33 18.95
C THR A 375 25.45 -2.63 20.39
N SER A 376 25.89 -3.86 20.66
CA SER A 376 26.14 -4.31 22.01
C SER A 376 27.44 -3.72 22.56
N HIS A 377 27.49 -3.61 23.89
CA HIS A 377 28.68 -3.14 24.61
C HIS A 377 29.03 -1.70 24.26
N GLN A 378 28.02 -0.91 23.88
CA GLN A 378 28.18 0.52 23.60
C GLN A 378 29.24 0.79 22.53
N ASP B 119 -43.41 7.88 -2.62
CA ASP B 119 -42.43 6.97 -3.19
C ASP B 119 -41.10 7.09 -2.46
N ARG B 120 -40.21 6.11 -2.66
CA ARG B 120 -38.91 6.13 -2.03
C ARG B 120 -37.99 7.14 -2.74
N PRO B 121 -37.17 7.87 -2.00
CA PRO B 121 -36.28 8.86 -2.63
C PRO B 121 -35.30 8.21 -3.59
N GLN B 122 -34.88 8.98 -4.59
CA GLN B 122 -33.99 8.49 -5.62
C GLN B 122 -32.57 8.33 -5.08
N LYS B 123 -31.95 7.22 -5.41
CA LYS B 123 -30.65 6.82 -4.87
C LYS B 123 -29.69 6.45 -5.99
N PRO B 124 -28.39 6.51 -5.74
CA PRO B 124 -27.43 5.99 -6.72
C PRO B 124 -27.64 4.51 -6.92
N PHE B 125 -27.24 4.03 -8.10
CA PHE B 125 -27.34 2.64 -8.52
C PHE B 125 -28.79 2.21 -8.74
N ASP B 126 -29.75 3.12 -8.62
CA ASP B 126 -31.14 2.77 -8.94
C ASP B 126 -31.34 2.59 -10.43
N LYS B 127 -30.61 3.35 -11.25
CA LYS B 127 -30.84 3.31 -12.69
C LYS B 127 -29.61 3.84 -13.41
N PHE B 128 -28.96 2.97 -14.18
CA PHE B 128 -27.92 3.39 -15.12
C PHE B 128 -28.55 3.64 -16.49
N PHE B 129 -28.12 4.70 -17.15
CA PHE B 129 -28.52 4.99 -18.52
C PHE B 129 -27.32 4.74 -19.43
N ILE B 130 -27.48 3.84 -20.40
CA ILE B 130 -26.39 3.49 -21.28
C ILE B 130 -26.75 3.87 -22.72
N ASP B 131 -25.72 4.22 -23.49
CA ASP B 131 -25.88 4.56 -24.90
C ASP B 131 -24.51 4.53 -25.56
N TYR B 132 -24.52 4.38 -26.88
CA TYR B 132 -23.29 4.36 -27.66
C TYR B 132 -23.09 5.68 -28.39
N ILE B 133 -21.83 6.10 -28.48
CA ILE B 133 -21.42 7.27 -29.26
C ILE B 133 -20.43 6.80 -30.31
N GLY B 134 -20.74 7.08 -31.58
CA GLY B 134 -19.86 6.67 -32.66
C GLY B 134 -20.57 6.37 -33.96
N PRO B 135 -19.82 5.96 -34.99
CA PRO B 135 -18.36 5.74 -34.97
C PRO B 135 -17.51 7.02 -34.94
N LEU B 136 -16.30 6.88 -34.41
CA LEU B 136 -15.34 7.97 -34.28
C LEU B 136 -14.08 7.62 -35.08
N PRO B 137 -13.19 8.58 -35.34
CA PRO B 137 -11.91 8.24 -35.95
C PRO B 137 -11.13 7.26 -35.09
N PRO B 138 -10.49 6.26 -35.70
CA PRO B 138 -9.82 5.21 -34.91
C PRO B 138 -8.76 5.79 -33.99
N SER B 139 -8.77 5.31 -32.75
CA SER B 139 -7.79 5.70 -31.73
C SER B 139 -7.32 4.43 -31.04
N GLN B 140 -6.14 3.94 -31.42
CA GLN B 140 -5.59 2.68 -30.93
C GLN B 140 -6.57 1.53 -31.14
N GLY B 141 -7.23 1.54 -32.30
CA GLY B 141 -8.10 0.45 -32.71
C GLY B 141 -9.52 0.51 -32.18
N TYR B 142 -9.90 1.59 -31.50
CA TYR B 142 -11.23 1.73 -30.94
C TYR B 142 -12.03 2.75 -31.74
N LEU B 143 -13.33 2.48 -31.90
CA LEU B 143 -14.19 3.30 -32.74
C LEU B 143 -15.39 3.90 -32.02
N TYR B 144 -15.86 3.29 -30.92
CA TYR B 144 -17.06 3.71 -30.25
C TYR B 144 -16.78 4.01 -28.78
N VAL B 145 -17.78 4.59 -28.11
CA VAL B 145 -17.70 4.88 -26.68
C VAL B 145 -19.03 4.49 -26.06
N LEU B 146 -19.00 3.62 -25.05
CA LEU B 146 -20.18 3.27 -24.28
C LEU B 146 -20.31 4.24 -23.12
N VAL B 147 -21.39 5.03 -23.11
CA VAL B 147 -21.65 6.00 -22.07
C VAL B 147 -22.58 5.38 -21.04
N VAL B 148 -22.18 5.42 -19.78
CA VAL B 148 -23.02 4.97 -18.67
C VAL B 148 -23.15 6.13 -17.69
N VAL B 149 -24.39 6.52 -17.41
CA VAL B 149 -24.68 7.65 -16.52
C VAL B 149 -25.61 7.17 -15.41
N ASP B 150 -25.21 7.41 -14.16
CA ASP B 150 -26.09 7.16 -13.04
C ASP B 150 -27.19 8.20 -12.99
N GLY B 151 -28.44 7.76 -12.89
CA GLY B 151 -29.57 8.67 -12.99
C GLY B 151 -29.67 9.65 -11.84
N MET B 152 -29.33 9.22 -10.63
CA MET B 152 -29.49 10.07 -9.46
C MET B 152 -28.34 11.08 -9.34
N THR B 153 -27.10 10.60 -9.43
CA THR B 153 -25.94 11.46 -9.21
C THR B 153 -25.44 12.16 -10.46
N GLY B 154 -25.77 11.64 -11.65
CA GLY B 154 -25.15 12.13 -12.86
C GLY B 154 -23.73 11.66 -13.09
N PHE B 155 -23.25 10.73 -12.26
CA PHE B 155 -21.89 10.22 -12.41
C PHE B 155 -21.79 9.41 -13.71
N THR B 156 -20.65 9.53 -14.39
CA THR B 156 -20.50 9.03 -15.74
C THR B 156 -19.28 8.12 -15.85
N TRP B 157 -19.48 6.96 -16.50
CA TRP B 157 -18.41 6.05 -16.88
C TRP B 157 -18.35 5.97 -18.40
N LEU B 158 -17.13 5.91 -18.94
CA LEU B 158 -16.91 5.86 -20.38
C LEU B 158 -16.01 4.69 -20.71
N TYR B 159 -16.49 3.80 -21.58
CA TYR B 159 -15.73 2.61 -21.98
C TYR B 159 -15.59 2.59 -23.50
N PRO B 160 -14.36 2.59 -24.04
CA PRO B 160 -14.20 2.50 -25.50
C PRO B 160 -14.37 1.07 -25.99
N THR B 161 -15.07 0.93 -27.11
CA THR B 161 -15.30 -0.37 -27.72
C THR B 161 -14.94 -0.31 -29.20
N LYS B 162 -14.78 -1.50 -29.80
CA LYS B 162 -14.50 -1.61 -31.22
C LYS B 162 -15.76 -1.70 -32.07
N ALA B 163 -16.93 -1.91 -31.45
CA ALA B 163 -18.18 -2.05 -32.18
C ALA B 163 -19.33 -1.85 -31.21
N PRO B 164 -20.51 -1.44 -31.70
CA PRO B 164 -21.70 -1.34 -30.85
C PRO B 164 -22.46 -2.66 -30.75
N SER B 165 -21.74 -3.71 -30.34
CA SER B 165 -22.29 -5.06 -30.30
C SER B 165 -22.65 -5.46 -28.88
N THR B 166 -23.43 -6.53 -28.78
CA THR B 166 -23.71 -7.12 -27.47
C THR B 166 -22.42 -7.60 -26.81
N SER B 167 -21.48 -8.10 -27.60
CA SER B 167 -20.23 -8.61 -27.05
C SER B 167 -19.41 -7.51 -26.41
N ALA B 168 -19.22 -6.40 -27.12
CA ALA B 168 -18.44 -5.30 -26.55
C ALA B 168 -19.16 -4.63 -25.39
N THR B 169 -20.49 -4.58 -25.43
CA THR B 169 -21.26 -4.04 -24.32
C THR B 169 -21.06 -4.89 -23.06
N VAL B 170 -21.15 -6.22 -23.22
CA VAL B 170 -21.02 -7.11 -22.07
C VAL B 170 -19.62 -7.03 -21.48
N LYS B 171 -18.60 -6.91 -22.33
CA LYS B 171 -17.23 -6.79 -21.80
C LYS B 171 -17.07 -5.51 -21.00
N SER B 172 -17.59 -4.39 -21.49
CA SER B 172 -17.44 -3.12 -20.79
C SER B 172 -18.25 -3.13 -19.48
N LEU B 173 -19.50 -3.59 -19.55
CA LEU B 173 -20.34 -3.62 -18.36
C LEU B 173 -19.87 -4.65 -17.35
N ASN B 174 -19.15 -5.69 -17.77
CA ASN B 174 -18.56 -6.61 -16.80
C ASN B 174 -17.51 -5.92 -15.95
N VAL B 175 -16.81 -4.94 -16.51
CA VAL B 175 -15.89 -4.13 -15.73
C VAL B 175 -16.66 -3.27 -14.73
N LEU B 176 -17.68 -2.56 -15.21
CA LEU B 176 -18.42 -1.65 -14.34
C LEU B 176 -19.18 -2.41 -13.26
N THR B 177 -19.75 -3.56 -13.59
CA THR B 177 -20.54 -4.32 -12.63
C THR B 177 -19.69 -5.09 -11.64
N SER B 178 -18.37 -5.09 -11.80
CA SER B 178 -17.48 -5.56 -10.74
C SER B 178 -17.21 -4.49 -9.69
N ILE B 179 -17.70 -3.28 -9.92
CA ILE B 179 -17.65 -2.21 -8.93
C ILE B 179 -19.01 -1.99 -8.27
N ALA B 180 -20.07 -1.96 -9.06
CA ALA B 180 -21.42 -1.72 -8.56
C ALA B 180 -22.42 -2.16 -9.60
N ILE B 181 -23.51 -2.78 -9.15
CA ILE B 181 -24.54 -3.32 -10.02
C ILE B 181 -25.78 -2.45 -9.90
N PRO B 182 -26.34 -1.97 -11.02
CA PRO B 182 -27.57 -1.19 -10.94
C PRO B 182 -28.79 -2.09 -10.84
N LYS B 183 -29.86 -1.54 -10.28
CA LYS B 183 -31.14 -2.25 -10.28
C LYS B 183 -31.75 -2.28 -11.67
N VAL B 184 -31.66 -1.16 -12.39
CA VAL B 184 -32.26 -1.02 -13.71
C VAL B 184 -31.22 -0.44 -14.67
N ILE B 185 -31.18 -0.96 -15.89
CA ILE B 185 -30.43 -0.37 -16.99
C ILE B 185 -31.43 0.13 -18.03
N HIS B 186 -31.31 1.41 -18.39
CA HIS B 186 -32.20 2.03 -19.36
C HIS B 186 -31.44 2.34 -20.64
N SER B 187 -32.07 2.10 -21.77
CA SER B 187 -31.42 2.29 -23.07
C SER B 187 -32.48 2.49 -24.14
N ASP B 188 -32.03 2.88 -25.33
CA ASP B 188 -32.89 2.87 -26.50
C ASP B 188 -32.98 1.45 -27.05
N GLN B 189 -33.78 1.28 -28.10
CA GLN B 189 -33.97 -0.03 -28.71
C GLN B 189 -32.84 -0.40 -29.67
N GLY B 190 -31.60 -0.06 -29.34
CA GLY B 190 -30.48 -0.49 -30.17
C GLY B 190 -30.34 -2.00 -30.18
N ALA B 191 -29.74 -2.50 -31.26
CA ALA B 191 -29.66 -3.95 -31.44
C ALA B 191 -28.88 -4.61 -30.31
N ALA B 192 -27.78 -3.98 -29.88
CA ALA B 192 -26.94 -4.59 -28.85
C ALA B 192 -27.69 -4.76 -27.53
N PHE B 193 -28.64 -3.87 -27.24
CA PHE B 193 -29.34 -3.90 -25.96
C PHE B 193 -30.61 -4.74 -25.99
N THR B 194 -31.21 -4.94 -27.16
CA THR B 194 -32.43 -5.73 -27.27
C THR B 194 -32.18 -7.20 -27.56
N SER B 195 -30.92 -7.60 -27.73
CA SER B 195 -30.60 -8.99 -28.00
C SER B 195 -30.90 -9.86 -26.78
N SER B 196 -31.12 -11.15 -27.04
CA SER B 196 -31.38 -12.09 -25.97
C SER B 196 -30.13 -12.48 -25.21
N THR B 197 -28.95 -12.30 -25.82
CA THR B 197 -27.70 -12.47 -25.08
C THR B 197 -27.59 -11.41 -23.99
N PHE B 198 -27.89 -10.16 -24.31
CA PHE B 198 -27.86 -9.11 -23.30
C PHE B 198 -28.95 -9.30 -22.27
N ALA B 199 -30.11 -9.82 -22.68
CA ALA B 199 -31.18 -10.10 -21.72
C ALA B 199 -30.78 -11.20 -20.76
N GLU B 200 -30.12 -12.25 -21.25
CA GLU B 200 -29.64 -13.31 -20.36
C GLU B 200 -28.58 -12.78 -19.41
N TRP B 201 -27.70 -11.90 -19.92
CA TRP B 201 -26.67 -11.30 -19.08
C TRP B 201 -27.29 -10.49 -17.95
N ALA B 202 -28.32 -9.69 -18.25
CA ALA B 202 -28.95 -8.88 -17.22
C ALA B 202 -29.74 -9.73 -16.23
N LYS B 203 -30.35 -10.82 -16.72
CA LYS B 203 -31.11 -11.69 -15.82
C LYS B 203 -30.20 -12.40 -14.84
N GLU B 204 -28.99 -12.77 -15.26
CA GLU B 204 -28.06 -13.46 -14.38
C GLU B 204 -27.63 -12.58 -13.21
N ARG B 205 -27.59 -11.26 -13.41
CA ARG B 205 -27.16 -10.33 -12.37
C ARG B 205 -28.31 -9.64 -11.66
N GLY B 206 -29.55 -10.03 -11.96
CA GLY B 206 -30.69 -9.41 -11.32
C GLY B 206 -31.01 -8.02 -11.81
N ILE B 207 -30.57 -7.66 -13.00
CA ILE B 207 -30.76 -6.33 -13.55
C ILE B 207 -32.02 -6.32 -14.40
N HIS B 208 -32.96 -5.43 -14.07
CA HIS B 208 -34.14 -5.24 -14.90
C HIS B 208 -33.79 -4.33 -16.07
N LEU B 209 -34.14 -4.75 -17.28
CA LEU B 209 -33.91 -3.95 -18.48
C LEU B 209 -35.15 -3.10 -18.76
N GLU B 210 -34.89 -1.88 -19.23
CA GLU B 210 -35.95 -0.91 -19.46
C GLU B 210 -35.65 -0.14 -20.74
N PHE B 211 -36.61 -0.09 -21.66
CA PHE B 211 -36.40 0.47 -22.98
C PHE B 211 -37.33 1.65 -23.23
N SER B 212 -36.82 2.64 -23.95
CA SER B 212 -37.65 3.73 -24.43
C SER B 212 -38.35 3.31 -25.72
N THR B 213 -39.45 4.01 -26.02
CA THR B 213 -40.17 3.76 -27.26
C THR B 213 -39.26 4.07 -28.45
N PRO B 214 -39.35 3.28 -29.53
CA PRO B 214 -38.55 3.60 -30.72
C PRO B 214 -38.84 5.01 -31.23
N TYR B 215 -37.77 5.70 -31.64
CA TYR B 215 -37.79 7.04 -32.20
C TYR B 215 -38.26 8.10 -31.21
N HIS B 216 -38.44 7.76 -29.94
CA HIS B 216 -38.78 8.70 -28.88
C HIS B 216 -37.89 8.45 -27.68
N PRO B 217 -36.60 8.80 -27.77
CA PRO B 217 -35.68 8.53 -26.67
C PRO B 217 -35.90 9.45 -25.47
N GLN B 218 -36.36 8.88 -24.35
CA GLN B 218 -36.64 9.66 -23.15
C GLN B 218 -35.88 9.06 -21.97
N SER B 219 -35.04 9.88 -21.34
CA SER B 219 -34.33 9.47 -20.14
C SER B 219 -34.74 10.34 -18.96
N SER B 220 -34.02 11.44 -18.74
CA SER B 220 -34.39 12.42 -17.73
C SER B 220 -33.63 13.71 -18.02
N GLY B 221 -34.16 14.83 -17.52
CA GLY B 221 -33.54 16.11 -17.78
C GLY B 221 -32.09 16.16 -17.36
N LYS B 222 -31.78 15.63 -16.17
CA LYS B 222 -30.40 15.59 -15.70
C LYS B 222 -29.54 14.73 -16.62
N VAL B 223 -30.07 13.59 -17.07
CA VAL B 223 -29.31 12.69 -17.93
C VAL B 223 -29.22 13.23 -19.36
N GLU B 224 -30.31 13.81 -19.86
CA GLU B 224 -30.29 14.42 -21.19
C GLU B 224 -29.18 15.47 -21.29
N ARG B 225 -29.13 16.37 -20.31
CA ARG B 225 -28.12 17.43 -20.32
C ARG B 225 -26.72 16.86 -20.12
N LYS B 226 -26.58 15.76 -19.39
CA LYS B 226 -25.28 15.15 -19.20
C LYS B 226 -24.78 14.53 -20.51
N ASN B 227 -25.65 13.78 -21.19
CA ASN B 227 -25.26 13.23 -22.49
C ASN B 227 -24.96 14.33 -23.50
N SER B 228 -25.64 15.48 -23.38
CA SER B 228 -25.31 16.63 -24.22
C SER B 228 -23.90 17.12 -23.92
N ASP B 229 -23.55 17.23 -22.64
CA ASP B 229 -22.20 17.67 -22.25
C ASP B 229 -21.14 16.73 -22.82
N ILE B 230 -21.38 15.43 -22.79
CA ILE B 230 -20.38 14.47 -23.25
C ILE B 230 -20.13 14.62 -24.75
N LYS B 231 -21.21 14.76 -25.53
CA LYS B 231 -21.05 14.93 -26.98
C LYS B 231 -20.22 16.16 -27.30
N ARG B 232 -20.58 17.30 -26.71
CA ARG B 232 -19.87 18.53 -27.03
C ARG B 232 -18.45 18.54 -26.46
N LEU B 233 -18.25 17.93 -25.30
CA LEU B 233 -16.90 17.88 -24.73
C LEU B 233 -15.98 16.96 -25.53
N LEU B 234 -16.51 15.87 -26.07
CA LEU B 234 -15.73 15.03 -26.98
C LEU B 234 -15.39 15.77 -28.26
N THR B 235 -16.38 16.45 -28.85
CA THR B 235 -16.16 17.18 -30.10
C THR B 235 -15.08 18.23 -29.94
N LYS B 236 -15.06 18.94 -28.81
CA LYS B 236 -14.12 20.03 -28.62
C LYS B 236 -12.69 19.52 -28.51
N LEU B 237 -12.49 18.33 -27.92
CA LEU B 237 -11.15 17.77 -27.80
C LEU B 237 -10.79 16.83 -28.94
N LEU B 238 -11.76 16.41 -29.74
CA LEU B 238 -11.47 15.64 -30.94
C LEU B 238 -10.70 16.48 -31.95
N VAL B 239 -11.17 17.70 -32.22
CA VAL B 239 -10.56 18.53 -33.23
C VAL B 239 -9.14 18.90 -32.83
N GLY B 240 -8.22 18.81 -33.79
CA GLY B 240 -6.81 19.02 -33.55
C GLY B 240 -6.03 17.75 -33.27
N ARG B 241 -6.65 16.76 -32.62
CA ARG B 241 -6.00 15.49 -32.30
C ARG B 241 -7.05 14.38 -32.39
N PRO B 242 -7.57 14.12 -33.60
CA PRO B 242 -8.77 13.26 -33.71
C PRO B 242 -8.51 11.79 -33.44
N THR B 243 -7.28 11.32 -33.50
CA THR B 243 -6.97 9.91 -33.30
C THR B 243 -6.36 9.63 -31.92
N LYS B 244 -6.45 10.58 -31.01
CA LYS B 244 -5.82 10.45 -29.69
C LYS B 244 -6.82 10.64 -28.55
N TRP B 245 -8.07 10.24 -28.77
CA TRP B 245 -9.09 10.38 -27.75
C TRP B 245 -9.12 9.24 -26.76
N TYR B 246 -8.48 8.11 -27.08
CA TYR B 246 -8.45 6.98 -26.14
C TYR B 246 -7.72 7.37 -24.86
N ASP B 247 -6.62 8.11 -24.97
CA ASP B 247 -5.85 8.51 -23.80
C ASP B 247 -6.53 9.61 -23.00
N LEU B 248 -7.46 10.35 -23.60
CA LEU B 248 -8.11 11.48 -22.95
C LEU B 248 -9.36 11.08 -22.17
N LEU B 249 -9.88 9.87 -22.37
CA LEU B 249 -11.09 9.47 -21.65
C LEU B 249 -10.97 9.57 -20.14
N PRO B 250 -9.84 9.27 -19.49
CA PRO B 250 -9.74 9.51 -18.04
C PRO B 250 -10.00 10.95 -17.64
N VAL B 251 -9.32 11.91 -18.26
CA VAL B 251 -9.50 13.30 -17.87
C VAL B 251 -10.88 13.82 -18.26
N VAL B 252 -11.50 13.24 -19.29
CA VAL B 252 -12.87 13.60 -19.64
C VAL B 252 -13.83 13.18 -18.53
N GLN B 253 -13.67 11.97 -18.01
CA GLN B 253 -14.54 11.52 -16.92
C GLN B 253 -14.37 12.40 -15.69
N LEU B 254 -13.12 12.69 -15.31
CA LEU B 254 -12.88 13.56 -14.16
C LEU B 254 -13.57 14.90 -14.32
N ALA B 255 -13.48 15.49 -15.51
CA ALA B 255 -14.13 16.78 -15.77
C ALA B 255 -15.64 16.67 -15.64
N LEU B 256 -16.23 15.66 -16.28
CA LEU B 256 -17.68 15.48 -16.24
C LEU B 256 -18.17 15.23 -14.82
N ASN B 257 -17.43 14.45 -14.04
CA ASN B 257 -17.88 14.07 -12.71
C ASN B 257 -17.55 15.10 -11.64
N ASN B 258 -16.75 16.11 -11.96
CA ASN B 258 -16.49 17.22 -11.04
C ASN B 258 -17.02 18.52 -11.60
N THR B 259 -18.14 18.46 -12.31
CA THR B 259 -18.81 19.62 -12.87
C THR B 259 -19.97 20.02 -11.98
N TYR B 260 -20.04 21.31 -11.65
CA TYR B 260 -21.10 21.82 -10.78
C TYR B 260 -22.46 21.65 -11.42
N SER B 261 -23.42 21.14 -10.64
CA SER B 261 -24.80 20.96 -11.09
C SER B 261 -25.60 22.22 -10.81
N PRO B 262 -26.34 22.75 -11.79
CA PRO B 262 -27.20 23.90 -11.50
C PRO B 262 -28.37 23.57 -10.58
N VAL B 263 -29.06 22.45 -10.81
CA VAL B 263 -30.23 22.08 -10.02
C VAL B 263 -29.81 21.73 -8.60
N LEU B 264 -29.08 20.62 -8.46
CA LEU B 264 -28.53 20.25 -7.16
C LEU B 264 -27.34 21.14 -6.83
N LYS B 265 -26.99 21.17 -5.53
CA LYS B 265 -25.87 22.01 -5.12
C LYS B 265 -24.52 21.40 -5.43
N TYR B 266 -24.47 20.09 -5.69
CA TYR B 266 -23.22 19.34 -5.67
C TYR B 266 -22.88 18.75 -7.03
N THR B 267 -21.65 18.27 -7.15
CA THR B 267 -21.16 17.59 -8.34
C THR B 267 -21.53 16.11 -8.27
N PRO B 268 -21.42 15.39 -9.39
CA PRO B 268 -21.62 13.93 -9.32
C PRO B 268 -20.66 13.23 -8.37
N HIS B 269 -19.41 13.67 -8.32
CA HIS B 269 -18.45 13.08 -7.38
C HIS B 269 -18.92 13.25 -5.95
N GLN B 270 -19.44 14.42 -5.61
CA GLN B 270 -19.87 14.66 -4.23
C GLN B 270 -21.09 13.83 -3.88
N LEU B 271 -22.02 13.66 -4.81
CA LEU B 271 -23.23 12.90 -4.53
C LEU B 271 -22.95 11.41 -4.43
N LEU B 272 -21.91 10.92 -5.08
CA LEU B 272 -21.60 9.49 -5.07
C LEU B 272 -20.76 9.10 -3.86
N PHE B 273 -19.76 9.90 -3.50
CA PHE B 273 -18.84 9.56 -2.42
C PHE B 273 -19.03 10.38 -1.16
N GLY B 274 -19.81 11.46 -1.20
CA GLY B 274 -20.05 12.26 -0.01
C GLY B 274 -18.86 13.06 0.48
N ILE B 275 -17.94 13.42 -0.42
CA ILE B 275 -16.75 14.19 -0.07
C ILE B 275 -16.44 15.16 -1.20
N ASP B 276 -15.57 16.12 -0.90
CA ASP B 276 -14.99 16.93 -1.94
C ASP B 276 -13.95 16.12 -2.72
N SER B 277 -13.58 16.61 -3.88
CA SER B 277 -12.67 15.91 -4.77
C SER B 277 -11.28 16.54 -4.73
N ASN B 278 -10.26 15.72 -5.01
CA ASN B 278 -8.90 16.22 -5.10
C ASN B 278 -8.60 16.88 -6.43
N THR B 279 -9.49 16.76 -7.41
CA THR B 279 -9.39 17.47 -8.69
C THR B 279 -10.69 18.21 -8.93
N PRO B 280 -10.86 19.38 -8.35
CA PRO B 280 -11.98 20.24 -8.73
C PRO B 280 -11.66 21.00 -10.01
N PHE B 281 -12.68 21.22 -10.82
CA PHE B 281 -12.54 21.90 -12.09
C PHE B 281 -13.23 23.26 -11.99
N ALA B 282 -12.55 24.20 -11.32
CA ALA B 282 -13.10 25.53 -11.14
C ALA B 282 -13.10 26.31 -12.45
N ASN B 283 -12.04 26.17 -13.25
CA ASN B 283 -11.96 26.83 -14.56
C ASN B 283 -12.91 26.11 -15.51
N GLN B 284 -14.19 26.50 -15.44
CA GLN B 284 -15.23 25.90 -16.26
C GLN B 284 -15.01 26.31 -17.72
N ASP B 285 -14.56 25.36 -18.54
CA ASP B 285 -14.26 25.62 -19.93
C ASP B 285 -15.52 25.95 -20.71
N THR B 286 -15.36 26.71 -21.80
CA THR B 286 -16.50 27.29 -22.50
C THR B 286 -17.39 26.24 -23.14
N LEU B 287 -16.81 25.11 -23.58
CA LEU B 287 -17.51 23.99 -24.21
C LEU B 287 -17.96 24.32 -25.63
N ASP B 288 -17.96 25.61 -25.99
CA ASP B 288 -18.22 26.00 -27.36
C ASP B 288 -16.95 25.91 -28.21
N LEU B 289 -17.13 25.84 -29.51
CA LEU B 289 -16.02 25.77 -30.45
C LEU B 289 -15.58 27.19 -30.80
N THR B 290 -14.28 27.46 -30.62
CA THR B 290 -13.74 28.74 -31.08
C THR B 290 -13.73 28.78 -32.60
N ARG B 291 -13.70 30.00 -33.14
CA ARG B 291 -13.85 30.17 -34.58
C ARG B 291 -12.73 29.51 -35.36
N GLU B 292 -11.54 29.38 -34.76
CA GLU B 292 -10.45 28.67 -35.42
C GLU B 292 -10.68 27.16 -35.43
N GLU B 293 -11.35 26.64 -34.39
CA GLU B 293 -11.69 25.22 -34.38
C GLU B 293 -12.80 24.89 -35.38
N GLU B 294 -13.61 25.87 -35.76
CA GLU B 294 -14.57 25.65 -36.83
C GLU B 294 -13.89 25.53 -38.18
N LEU B 295 -12.76 26.22 -38.36
CA LEU B 295 -12.03 26.16 -39.62
C LEU B 295 -11.41 24.79 -39.83
N SER B 296 -10.77 24.24 -38.79
CA SER B 296 -10.16 22.93 -38.90
C SER B 296 -11.18 21.80 -38.83
N LEU B 297 -12.33 22.03 -38.21
CA LEU B 297 -13.39 21.02 -38.20
C LEU B 297 -14.11 20.97 -39.55
N LEU B 298 -14.33 22.13 -40.18
CA LEU B 298 -14.95 22.17 -41.50
C LEU B 298 -14.03 21.65 -42.59
N GLN B 299 -12.74 21.44 -42.30
CA GLN B 299 -11.83 20.90 -43.30
C GLN B 299 -12.01 19.39 -43.45
N GLU B 300 -12.06 18.67 -42.33
CA GLU B 300 -12.14 17.21 -42.37
C GLU B 300 -13.56 16.72 -42.57
N ILE B 301 -14.23 16.35 -41.48
CA ILE B 301 -15.57 15.77 -41.56
C ILE B 301 -16.58 16.63 -40.81
ZN ZN E . 34.56 -12.17 18.14
MG MG F . 5.57 -5.75 -2.95
MG MG G . 3.22 -7.87 -0.74
C1 GOL H . 9.27 -1.21 -19.19
O1 GOL H . 8.33 -2.25 -19.30
C2 GOL H . 8.93 -0.35 -17.99
O2 GOL H . 8.72 -1.18 -16.87
C3 GOL H . 10.08 0.62 -17.71
O3 GOL H . 9.58 1.87 -17.27
C1 GOL I . 0.79 9.60 12.68
O1 GOL I . 0.69 9.74 11.29
C2 GOL I . -0.13 8.47 13.13
O2 GOL I . -1.47 8.82 12.86
C3 GOL I . 0.04 8.22 14.63
O3 GOL I . 0.79 7.04 14.83
C1 GOL J . -6.89 -5.58 17.93
O1 GOL J . -6.37 -4.39 18.47
C2 GOL J . -6.31 -5.78 16.52
O2 GOL J . -4.91 -5.91 16.60
C3 GOL J . -6.67 -4.59 15.66
O3 GOL J . -5.52 -4.06 15.06
S SO4 K . -6.45 -20.38 -18.52
O1 SO4 K . -5.90 -20.60 -17.19
O2 SO4 K . -7.15 -21.57 -18.98
O3 SO4 K . -7.38 -19.26 -18.49
O4 SO4 K . -5.36 -20.08 -19.45
S SO4 L . 10.71 -6.08 -7.62
O1 SO4 L . 11.84 -5.32 -7.09
O2 SO4 L . 10.51 -7.26 -6.79
O3 SO4 L . 9.52 -5.25 -7.60
O4 SO4 L . 11.00 -6.49 -8.99
S SO4 M . 23.09 -19.65 4.71
O1 SO4 M . 24.31 -19.19 5.39
O2 SO4 M . 23.44 -20.73 3.79
O3 SO4 M . 22.14 -20.14 5.71
O4 SO4 M . 22.51 -18.55 3.97
S SO4 N . 29.18 -3.10 5.75
O1 SO4 N . 29.44 -4.42 6.32
O2 SO4 N . 30.45 -2.45 5.43
O3 SO4 N . 28.37 -3.23 4.55
O4 SO4 N . 28.46 -2.29 6.74
S SO4 O . -28.28 19.38 -13.96
O1 SO4 O . -29.06 18.61 -12.99
O2 SO4 O . -26.85 19.25 -13.66
O3 SO4 O . -28.67 20.79 -13.88
O4 SO4 O . -28.54 18.88 -15.30
C1 GOL P . -22.69 16.30 -0.28
O1 GOL P . -23.80 16.23 0.57
C2 GOL P . -21.46 16.76 0.52
O2 GOL P . -21.19 15.85 1.55
C3 GOL P . -20.26 16.86 -0.41
O3 GOL P . -19.24 17.61 0.22
C1 GOL Q . -9.24 4.89 -20.73
O1 GOL Q . -8.30 4.18 -21.50
C2 GOL Q . -10.05 3.93 -19.88
O2 GOL Q . -10.50 2.86 -20.68
C3 GOL Q . -11.24 4.67 -19.26
O3 GOL Q . -12.15 3.75 -18.69
C1 GOL R . -11.43 -8.10 15.35
O1 GOL R . -12.39 -8.63 14.47
C2 GOL R . -10.48 -7.19 14.60
O2 GOL R . -9.39 -7.93 14.10
C3 GOL R . -9.96 -6.11 15.54
O3 GOL R . -9.67 -4.96 14.78
NAA QUW S . 9.06 -9.59 0.61
OAB QUW S . 7.56 -10.49 2.27
OAC QUW S . 4.58 -8.47 0.51
OAD QUW S . 12.23 -2.72 0.44
OAE QUW S . 4.94 -6.88 -1.52
FAF QUW S . 4.12 -8.28 8.05
FAG QUW S . 3.00 -9.16 3.61
CAH QUW S . 5.41 -9.82 6.83
CAI QUW S . 5.65 -10.50 5.64
CAJ QUW S . 8.71 -6.46 -3.15
CAK QUW S . 3.54 -8.70 5.82
CAL QUW S . 9.53 -7.99 -1.49
CAM QUW S . 11.68 -3.76 -0.37
CAN QUW S . 12.09 -3.55 -1.82
CAO QUW S . 11.43 -4.70 -2.60
CAP QUW S . 11.94 -6.07 -2.19
CAQ QUW S . 11.14 -7.16 -2.97
CAR QUW S . 5.08 -10.97 3.36
NAS QUW S . 7.40 -6.58 -2.61
NAT QUW S . 5.35 -10.09 2.20
CAU QUW S . 6.60 -9.94 1.73
CAV QUW S . 4.35 -8.93 6.92
CAW QUW S . 9.79 -7.16 -2.57
CAX QUW S . 8.03 -8.92 0.10
CAY QUW S . 3.78 -9.37 4.63
CAZ QUW S . 4.83 -10.27 4.54
CBA QUW S . 6.77 -9.09 0.64
CBB QUW S . 5.73 -8.37 0.06
CBC QUW S . 8.25 -8.10 -0.99
CBD QUW S . 7.18 -7.40 -1.55
NBE QUW S . 5.95 -7.56 -1.01
#